data_1L1E
#
_entry.id   1L1E
#
_cell.length_a   45.340
_cell.length_b   45.340
_cell.length_c   446.020
_cell.angle_alpha   90.00
_cell.angle_beta   90.00
_cell.angle_gamma   120.00
#
_symmetry.space_group_name_H-M   'P 65'
#
loop_
_entity.id
_entity.type
_entity.pdbx_description
1 polymer 'mycolic acid synthase'
2 non-polymer 'CARBONATE ION'
3 non-polymer S-ADENOSYL-L-HOMOCYSTEINE
4 water water
#
_entity_poly.entity_id   1
_entity_poly.type   'polypeptide(L)'
_entity_poly.pdbx_seq_one_letter_code
;MSVQLTPHFGNVQAHYDLSDDFFRLFLDPTQTYSCAYFERDDMTLQEAQIAKIDLALGKLNLEPGMTLLDIGCGWGATMR
RAIEKYDVNVVGLTLSENQAGHVQKMFDQMDTPRSRRVLLEGWEKFDEPVDRIVSIGAFEHFGHQRYHHFFEVTHRTLPA
DGKMLLHTIVRPTFKEGREKGLTLTHELVHFTKFILAEIFPGGWLPSIPTVHEYAEKVGFRVTAVQSLQLHYARTLDMWA
TALEANKDQAIAIQSQTVYDRYMKYLTGCAKLFRQGYTDVDQFTLEK
;
_entity_poly.pdbx_strand_id   A,B
#
# COMPACT_ATOMS: atom_id res chain seq x y z
N TYR A 16 9.93 -10.32 -36.50
CA TYR A 16 9.25 -9.14 -35.91
C TYR A 16 8.66 -9.44 -34.53
N ASP A 17 8.01 -8.43 -33.98
CA ASP A 17 7.38 -8.55 -32.68
C ASP A 17 5.95 -9.00 -32.96
N LEU A 18 5.33 -9.69 -32.00
CA LEU A 18 3.96 -10.15 -32.19
C LEU A 18 3.02 -9.00 -32.53
N SER A 19 2.25 -9.15 -33.60
CA SER A 19 1.29 -8.15 -34.06
C SER A 19 0.35 -7.64 -32.97
N ASP A 20 0.07 -6.34 -32.96
CA ASP A 20 -0.79 -5.77 -31.95
C ASP A 20 -2.24 -6.22 -32.08
N ASP A 21 -2.64 -6.60 -33.28
CA ASP A 21 -4.00 -7.06 -33.48
C ASP A 21 -4.17 -8.39 -32.79
N PHE A 22 -3.04 -9.02 -32.44
CA PHE A 22 -3.07 -10.29 -31.74
C PHE A 22 -3.36 -9.99 -30.28
N PHE A 23 -2.62 -9.02 -29.72
CA PHE A 23 -2.81 -8.64 -28.32
C PHE A 23 -4.21 -8.10 -28.08
N ARG A 24 -4.73 -7.34 -29.03
CA ARG A 24 -6.06 -6.78 -28.86
C ARG A 24 -7.13 -7.88 -28.74
N LEU A 25 -6.75 -9.12 -29.04
CA LEU A 25 -7.70 -10.23 -28.95
C LEU A 25 -7.92 -10.70 -27.51
N PHE A 26 -7.05 -10.31 -26.58
CA PHE A 26 -7.26 -10.72 -25.19
C PHE A 26 -7.09 -9.62 -24.15
N LEU A 27 -6.31 -8.59 -24.47
CA LEU A 27 -6.15 -7.49 -23.52
C LEU A 27 -7.44 -6.67 -23.47
N ASP A 28 -7.64 -5.93 -22.38
CA ASP A 28 -8.83 -5.09 -22.27
C ASP A 28 -8.63 -3.90 -23.24
N PRO A 29 -9.64 -3.02 -23.40
CA PRO A 29 -9.55 -1.86 -24.31
C PRO A 29 -8.36 -0.93 -24.11
N THR A 30 -7.95 -0.71 -22.87
CA THR A 30 -6.82 0.16 -22.58
C THR A 30 -5.50 -0.53 -22.96
N GLN A 31 -5.59 -1.80 -23.33
CA GLN A 31 -4.40 -2.57 -23.69
C GLN A 31 -3.34 -2.65 -22.58
N THR A 32 -3.79 -2.79 -21.33
CA THR A 32 -2.85 -2.92 -20.21
C THR A 32 -2.41 -4.36 -20.18
N TYR A 33 -1.10 -4.58 -20.12
CA TYR A 33 -0.53 -5.92 -20.15
C TYR A 33 0.31 -6.17 -18.90
N SER A 34 -0.38 -6.38 -17.79
CA SER A 34 0.24 -6.61 -16.49
C SER A 34 -0.87 -6.93 -15.50
N CYS A 35 -0.51 -7.56 -14.39
CA CYS A 35 -1.45 -7.93 -13.34
C CYS A 35 -2.45 -6.81 -13.00
N ALA A 36 -3.75 -7.10 -13.11
CA ALA A 36 -4.75 -6.10 -12.79
C ALA A 36 -5.06 -6.11 -11.28
N TYR A 37 -5.89 -5.18 -10.84
CA TYR A 37 -6.24 -5.08 -9.42
C TYR A 37 -7.76 -5.08 -9.21
N PHE A 38 -8.31 -6.20 -8.76
CA PHE A 38 -9.74 -6.31 -8.52
C PHE A 38 -10.14 -5.76 -7.15
N GLU A 39 -10.23 -4.44 -7.04
CA GLU A 39 -10.64 -3.80 -5.80
C GLU A 39 -11.96 -4.39 -5.37
N ARG A 40 -12.87 -4.50 -6.35
CA ARG A 40 -14.18 -5.11 -6.13
C ARG A 40 -14.12 -6.40 -6.93
N ASP A 41 -14.60 -7.49 -6.35
CA ASP A 41 -14.59 -8.77 -7.04
C ASP A 41 -15.42 -8.77 -8.32
N ASP A 42 -16.39 -7.87 -8.41
CA ASP A 42 -17.26 -7.81 -9.58
C ASP A 42 -16.72 -6.98 -10.74
N MET A 43 -15.57 -6.36 -10.53
CA MET A 43 -14.97 -5.53 -11.59
C MET A 43 -14.69 -6.29 -12.87
N THR A 44 -14.80 -5.59 -13.99
CA THR A 44 -14.50 -6.17 -15.29
C THR A 44 -12.98 -6.04 -15.40
N LEU A 45 -12.39 -6.66 -16.41
CA LEU A 45 -10.95 -6.58 -16.58
C LEU A 45 -10.53 -5.12 -16.76
N GLN A 46 -11.24 -4.37 -17.61
CA GLN A 46 -10.89 -2.97 -17.83
C GLN A 46 -10.98 -2.15 -16.54
N GLU A 47 -12.00 -2.41 -15.72
CA GLU A 47 -12.15 -1.68 -14.46
C GLU A 47 -10.99 -2.03 -13.50
N ALA A 48 -10.60 -3.31 -13.48
CA ALA A 48 -9.54 -3.76 -12.58
C ALA A 48 -8.16 -3.26 -13.03
N GLN A 49 -8.00 -2.99 -14.32
CA GLN A 49 -6.72 -2.47 -14.82
C GLN A 49 -6.66 -0.99 -14.49
N ILE A 50 -7.80 -0.32 -14.52
CA ILE A 50 -7.81 1.09 -14.16
C ILE A 50 -7.57 1.19 -12.66
N ALA A 51 -8.08 0.21 -11.92
CA ALA A 51 -7.89 0.17 -10.48
C ALA A 51 -6.41 -0.01 -10.13
N LYS A 52 -5.71 -0.82 -10.92
CA LYS A 52 -4.30 -1.06 -10.68
C LYS A 52 -3.48 0.20 -10.98
N ILE A 53 -3.82 0.88 -12.07
CA ILE A 53 -3.13 2.12 -12.43
C ILE A 53 -3.29 3.14 -11.29
N ASP A 54 -4.51 3.32 -10.79
CA ASP A 54 -4.72 4.27 -9.68
C ASP A 54 -3.99 3.82 -8.41
N LEU A 55 -3.91 2.51 -8.19
CA LEU A 55 -3.22 2.01 -7.00
C LEU A 55 -1.74 2.38 -7.04
N ALA A 56 -1.11 2.12 -8.18
CA ALA A 56 0.31 2.41 -8.35
C ALA A 56 0.58 3.89 -8.27
N LEU A 57 -0.17 4.67 -9.05
CA LEU A 57 0.03 6.11 -9.09
C LEU A 57 -0.31 6.80 -7.76
N GLY A 58 -1.30 6.29 -7.05
CA GLY A 58 -1.67 6.88 -5.77
C GLY A 58 -0.51 6.89 -4.80
N LYS A 59 0.41 5.94 -4.96
CA LYS A 59 1.57 5.82 -4.10
C LYS A 59 2.69 6.82 -4.39
N LEU A 60 2.62 7.46 -5.55
CA LEU A 60 3.63 8.43 -5.95
C LEU A 60 3.29 9.85 -5.49
N ASN A 61 2.19 9.98 -4.76
CA ASN A 61 1.73 11.27 -4.24
C ASN A 61 1.90 12.39 -5.28
N LEU A 62 1.38 12.12 -6.47
CA LEU A 62 1.44 13.05 -7.60
C LEU A 62 0.72 14.38 -7.34
N GLU A 63 1.38 15.46 -7.76
CA GLU A 63 0.82 16.80 -7.60
C GLU A 63 0.79 17.42 -9.01
N PRO A 64 -0.21 18.26 -9.29
CA PRO A 64 -0.32 18.89 -10.60
C PRO A 64 0.96 19.62 -11.05
N GLY A 65 1.36 19.42 -12.28
CA GLY A 65 2.54 20.10 -12.77
C GLY A 65 3.84 19.31 -12.67
N MET A 66 3.82 18.19 -11.95
CA MET A 66 5.01 17.34 -11.82
C MET A 66 5.22 16.58 -13.12
N THR A 67 6.39 15.97 -13.24
CA THR A 67 6.73 15.16 -14.40
C THR A 67 6.84 13.72 -13.93
N LEU A 68 6.18 12.81 -14.64
CA LEU A 68 6.24 11.40 -14.31
C LEU A 68 6.89 10.63 -15.44
N LEU A 69 7.80 9.72 -15.08
CA LEU A 69 8.48 8.85 -16.04
C LEU A 69 7.89 7.46 -15.92
N ASP A 70 7.46 6.90 -17.04
CA ASP A 70 6.91 5.55 -17.09
C ASP A 70 7.95 4.68 -17.77
N ILE A 71 8.60 3.82 -17.00
CA ILE A 71 9.61 2.93 -17.59
C ILE A 71 8.96 1.65 -18.07
N GLY A 72 8.89 1.51 -19.40
CA GLY A 72 8.27 0.35 -20.02
C GLY A 72 6.77 0.64 -20.06
N CYS A 73 6.41 1.71 -20.75
CA CYS A 73 5.03 2.19 -20.80
C CYS A 73 3.98 1.41 -21.59
N GLY A 74 4.35 0.32 -22.25
CA GLY A 74 3.38 -0.43 -23.01
C GLY A 74 2.61 0.47 -23.97
N TRP A 75 1.29 0.28 -24.02
CA TRP A 75 0.46 1.07 -24.93
C TRP A 75 -0.07 2.39 -24.38
N GLY A 76 0.53 2.89 -23.30
CA GLY A 76 0.17 4.17 -22.74
C GLY A 76 -0.96 4.43 -21.76
N ALA A 77 -1.77 3.45 -21.40
CA ALA A 77 -2.89 3.69 -20.47
C ALA A 77 -2.51 4.38 -19.15
N THR A 78 -1.33 4.04 -18.62
CA THR A 78 -0.89 4.62 -17.35
C THR A 78 -0.60 6.11 -17.50
N MET A 79 0.13 6.47 -18.54
CA MET A 79 0.44 7.87 -18.75
C MET A 79 -0.83 8.65 -19.09
N ARG A 80 -1.73 8.05 -19.85
CA ARG A 80 -2.97 8.77 -20.17
C ARG A 80 -3.73 9.06 -18.87
N ARG A 81 -3.82 8.06 -18.00
CA ARG A 81 -4.50 8.23 -16.73
C ARG A 81 -3.80 9.32 -15.91
N ALA A 82 -2.47 9.25 -15.81
CA ALA A 82 -1.71 10.25 -15.05
C ALA A 82 -2.04 11.67 -15.49
N ILE A 83 -2.17 11.88 -16.80
CA ILE A 83 -2.47 13.20 -17.34
C ILE A 83 -3.89 13.63 -16.95
N GLU A 84 -4.85 12.80 -17.34
CA GLU A 84 -6.27 13.08 -17.09
C GLU A 84 -6.74 13.13 -15.65
N LYS A 85 -6.36 12.14 -14.84
CA LYS A 85 -6.79 12.13 -13.45
C LYS A 85 -5.90 12.88 -12.48
N TYR A 86 -4.58 12.83 -12.70
CA TYR A 86 -3.68 13.49 -11.78
C TYR A 86 -3.09 14.80 -12.31
N ASP A 87 -3.35 15.10 -13.58
CA ASP A 87 -2.89 16.34 -14.19
C ASP A 87 -1.38 16.58 -14.15
N VAL A 88 -0.60 15.57 -14.52
CA VAL A 88 0.86 15.70 -14.52
C VAL A 88 1.40 15.57 -15.92
N ASN A 89 2.66 15.99 -16.10
CA ASN A 89 3.36 15.90 -17.39
C ASN A 89 3.93 14.49 -17.37
N VAL A 90 4.12 13.88 -18.54
CA VAL A 90 4.64 12.52 -18.59
C VAL A 90 5.71 12.28 -19.67
N VAL A 91 6.41 11.16 -19.52
CA VAL A 91 7.43 10.71 -20.46
C VAL A 91 7.47 9.20 -20.30
N GLY A 92 7.42 8.48 -21.40
CA GLY A 92 7.45 7.03 -21.31
C GLY A 92 8.49 6.40 -22.20
N LEU A 93 9.14 5.37 -21.70
CA LEU A 93 10.14 4.65 -22.48
C LEU A 93 9.60 3.27 -22.76
N THR A 94 9.89 2.79 -23.97
CA THR A 94 9.48 1.47 -24.41
C THR A 94 10.49 0.97 -25.45
N LEU A 95 10.60 -0.35 -25.59
CA LEU A 95 11.49 -0.99 -26.56
C LEU A 95 10.66 -1.47 -27.74
N SER A 96 9.34 -1.22 -27.69
CA SER A 96 8.45 -1.67 -28.73
C SER A 96 8.05 -0.62 -29.77
N GLU A 97 8.38 -0.92 -31.01
CA GLU A 97 8.07 -0.04 -32.13
C GLU A 97 6.58 0.26 -32.23
N ASN A 98 5.78 -0.79 -32.14
CA ASN A 98 4.34 -0.66 -32.23
C ASN A 98 3.75 0.21 -31.11
N GLN A 99 4.28 0.07 -29.91
CA GLN A 99 3.80 0.84 -28.75
C GLN A 99 4.20 2.30 -28.85
N ALA A 100 5.44 2.57 -29.23
CA ALA A 100 5.90 3.94 -29.34
C ALA A 100 5.01 4.71 -30.33
N GLY A 101 4.80 4.13 -31.50
CA GLY A 101 3.95 4.79 -32.47
C GLY A 101 2.53 4.95 -31.95
N HIS A 102 1.98 3.88 -31.36
CA HIS A 102 0.63 3.94 -30.82
C HIS A 102 0.51 5.01 -29.74
N VAL A 103 1.47 5.07 -28.82
CA VAL A 103 1.40 6.08 -27.76
C VAL A 103 1.56 7.50 -28.29
N GLN A 104 2.37 7.71 -29.31
CA GLN A 104 2.57 9.06 -29.84
C GLN A 104 1.28 9.50 -30.52
N LYS A 105 0.66 8.60 -31.28
CA LYS A 105 -0.60 8.94 -31.95
C LYS A 105 -1.61 9.32 -30.86
N MET A 106 -1.63 8.53 -29.79
CA MET A 106 -2.53 8.77 -28.67
C MET A 106 -2.27 10.18 -28.17
N PHE A 107 -1.01 10.47 -27.86
CA PHE A 107 -0.61 11.79 -27.37
C PHE A 107 -1.04 12.94 -28.30
N ASP A 108 -0.85 12.75 -29.61
CA ASP A 108 -1.20 13.76 -30.62
C ASP A 108 -2.70 14.01 -30.71
N GLN A 109 -3.51 13.03 -30.33
CA GLN A 109 -4.96 13.16 -30.39
C GLN A 109 -5.58 13.90 -29.21
N MET A 110 -4.99 13.76 -28.03
CA MET A 110 -5.53 14.42 -26.86
C MET A 110 -5.10 15.87 -26.75
N ASP A 111 -5.86 16.66 -25.99
CA ASP A 111 -5.54 18.05 -25.79
C ASP A 111 -5.41 18.33 -24.30
N THR A 112 -4.25 18.85 -23.92
CA THR A 112 -3.93 19.19 -22.55
C THR A 112 -2.68 20.06 -22.58
N PRO A 113 -2.61 21.05 -21.68
CA PRO A 113 -1.43 21.92 -21.64
C PRO A 113 -0.26 21.13 -21.06
N ARG A 114 -0.52 19.87 -20.74
CA ARG A 114 0.51 18.99 -20.18
C ARG A 114 1.43 18.43 -21.25
N SER A 115 2.72 18.42 -20.95
CA SER A 115 3.73 17.91 -21.86
C SER A 115 3.66 16.40 -21.86
N ARG A 116 3.78 15.80 -23.05
CA ARG A 116 3.71 14.35 -23.16
C ARG A 116 4.72 13.84 -24.17
N ARG A 117 5.61 12.96 -23.71
CA ARG A 117 6.64 12.41 -24.57
C ARG A 117 6.79 10.90 -24.44
N VAL A 118 7.05 10.25 -25.57
CA VAL A 118 7.25 8.82 -25.61
C VAL A 118 8.56 8.61 -26.37
N LEU A 119 9.42 7.73 -25.87
CA LEU A 119 10.70 7.50 -26.51
C LEU A 119 11.00 6.01 -26.71
N LEU A 120 11.42 5.67 -27.92
CA LEU A 120 11.76 4.29 -28.24
C LEU A 120 13.22 4.06 -27.80
N GLU A 121 13.42 3.78 -26.52
CA GLU A 121 14.76 3.55 -25.99
C GLU A 121 14.67 2.93 -24.60
N GLY A 122 15.74 2.26 -24.17
CA GLY A 122 15.74 1.64 -22.85
C GLY A 122 16.03 2.63 -21.75
N TRP A 123 15.77 2.23 -20.49
CA TRP A 123 16.03 3.10 -19.36
C TRP A 123 17.52 3.43 -19.25
N GLU A 124 18.35 2.61 -19.89
CA GLU A 124 19.79 2.83 -19.87
C GLU A 124 20.19 4.17 -20.51
N LYS A 125 19.41 4.63 -21.48
CA LYS A 125 19.74 5.88 -22.15
C LYS A 125 19.05 7.13 -21.62
N PHE A 126 18.13 6.95 -20.68
CA PHE A 126 17.41 8.10 -20.11
C PHE A 126 18.17 8.73 -18.95
N ASP A 127 18.36 10.04 -19.01
CA ASP A 127 19.11 10.73 -17.95
C ASP A 127 18.59 12.16 -17.73
N GLU A 128 17.27 12.28 -17.60
CA GLU A 128 16.66 13.58 -17.37
C GLU A 128 16.01 13.61 -16.01
N PRO A 129 16.05 14.77 -15.32
CA PRO A 129 15.45 14.89 -13.99
C PRO A 129 13.91 14.82 -14.06
N VAL A 130 13.33 13.89 -13.32
CA VAL A 130 11.86 13.76 -13.26
C VAL A 130 11.49 13.75 -11.78
N ASP A 131 10.21 13.99 -11.49
CA ASP A 131 9.76 14.03 -10.10
C ASP A 131 9.45 12.66 -9.49
N ARG A 132 8.87 11.78 -10.30
CA ARG A 132 8.46 10.47 -9.84
C ARG A 132 8.63 9.46 -10.97
N ILE A 133 8.60 8.18 -10.62
CA ILE A 133 8.77 7.11 -11.60
C ILE A 133 7.82 5.96 -11.31
N VAL A 134 7.33 5.34 -12.37
CA VAL A 134 6.44 4.20 -12.25
C VAL A 134 6.90 3.17 -13.28
N SER A 135 7.00 1.91 -12.87
CA SER A 135 7.43 0.85 -13.77
C SER A 135 6.59 -0.38 -13.44
N ILE A 136 5.73 -0.78 -14.37
CA ILE A 136 4.84 -1.90 -14.16
C ILE A 136 5.02 -3.01 -15.17
N GLY A 137 5.52 -4.15 -14.70
CA GLY A 137 5.73 -5.30 -15.57
C GLY A 137 6.87 -5.17 -16.55
N ALA A 138 7.82 -4.30 -16.27
CA ALA A 138 8.96 -4.13 -17.17
C ALA A 138 10.21 -4.84 -16.63
N PHE A 139 10.40 -4.70 -15.33
CA PHE A 139 11.53 -5.25 -14.59
C PHE A 139 11.85 -6.72 -14.90
N GLU A 140 10.82 -7.52 -15.17
CA GLU A 140 11.01 -8.94 -15.46
C GLU A 140 11.82 -9.17 -16.75
N HIS A 141 11.89 -8.15 -17.61
CA HIS A 141 12.62 -8.26 -18.87
C HIS A 141 14.06 -7.74 -18.81
N PHE A 142 14.46 -7.14 -17.71
CA PHE A 142 15.80 -6.56 -17.58
C PHE A 142 16.97 -7.53 -17.49
N GLY A 143 16.81 -8.58 -16.69
CA GLY A 143 17.89 -9.53 -16.51
C GLY A 143 18.68 -9.09 -15.28
N HIS A 144 18.96 -10.05 -14.40
CA HIS A 144 19.68 -9.79 -13.16
C HIS A 144 20.99 -8.99 -13.28
N GLN A 145 21.78 -9.25 -14.32
CA GLN A 145 23.06 -8.54 -14.50
C GLN A 145 22.95 -7.03 -14.63
N ARG A 146 21.75 -6.52 -14.92
CA ARG A 146 21.57 -5.09 -15.10
C ARG A 146 20.86 -4.42 -13.92
N TYR A 147 20.48 -5.19 -12.90
CA TYR A 147 19.77 -4.63 -11.76
C TYR A 147 20.45 -3.43 -11.11
N HIS A 148 21.74 -3.55 -10.76
CA HIS A 148 22.41 -2.43 -10.12
C HIS A 148 22.32 -1.17 -10.95
N HIS A 149 22.51 -1.32 -12.26
CA HIS A 149 22.48 -0.18 -13.18
C HIS A 149 21.11 0.51 -13.16
N PHE A 150 20.05 -0.30 -13.24
CA PHE A 150 18.69 0.20 -13.22
C PHE A 150 18.43 1.05 -11.97
N PHE A 151 18.77 0.51 -10.81
CA PHE A 151 18.53 1.24 -9.59
C PHE A 151 19.41 2.49 -9.47
N GLU A 152 20.63 2.42 -10.02
CA GLU A 152 21.51 3.59 -9.98
C GLU A 152 20.94 4.71 -10.87
N VAL A 153 20.45 4.33 -12.05
CA VAL A 153 19.87 5.31 -12.97
C VAL A 153 18.58 5.92 -12.45
N THR A 154 17.67 5.10 -11.93
CA THR A 154 16.40 5.60 -11.42
C THR A 154 16.60 6.45 -10.16
N HIS A 155 17.56 6.08 -9.33
CA HIS A 155 17.86 6.83 -8.11
C HIS A 155 18.47 8.20 -8.41
N ARG A 156 19.32 8.28 -9.42
CA ARG A 156 19.98 9.53 -9.76
C ARG A 156 19.12 10.51 -10.56
N THR A 157 17.99 10.05 -11.09
CA THR A 157 17.11 10.92 -11.85
C THR A 157 16.04 11.54 -10.96
N LEU A 158 15.78 10.88 -9.83
CA LEU A 158 14.78 11.32 -8.87
C LEU A 158 15.29 12.43 -7.97
N PRO A 159 14.36 13.26 -7.45
CA PRO A 159 14.71 14.36 -6.57
C PRO A 159 14.79 13.88 -5.12
N ALA A 160 15.19 14.78 -4.22
CA ALA A 160 15.32 14.46 -2.80
C ALA A 160 14.08 13.74 -2.27
N ASP A 161 12.90 14.25 -2.61
CA ASP A 161 11.65 13.64 -2.14
C ASP A 161 11.01 12.75 -3.19
N GLY A 162 11.83 12.21 -4.08
CA GLY A 162 11.31 11.35 -5.11
C GLY A 162 11.00 9.93 -4.65
N LYS A 163 10.17 9.26 -5.43
CA LYS A 163 9.80 7.90 -5.13
C LYS A 163 9.49 7.22 -6.44
N MET A 164 9.69 5.91 -6.46
CA MET A 164 9.43 5.09 -7.64
C MET A 164 8.52 3.96 -7.19
N LEU A 165 7.58 3.58 -8.06
CA LEU A 165 6.70 2.47 -7.77
C LEU A 165 7.18 1.40 -8.72
N LEU A 166 7.73 0.32 -8.18
CA LEU A 166 8.24 -0.78 -8.98
C LEU A 166 7.28 -1.95 -8.79
N HIS A 167 6.63 -2.35 -9.87
CA HIS A 167 5.66 -3.44 -9.87
C HIS A 167 6.26 -4.56 -10.71
N THR A 168 6.45 -5.72 -10.10
CA THR A 168 7.07 -6.85 -10.80
C THR A 168 6.74 -8.19 -10.20
N ILE A 169 6.83 -9.22 -11.04
CA ILE A 169 6.61 -10.60 -10.64
C ILE A 169 7.82 -10.93 -9.76
N VAL A 170 7.58 -11.68 -8.69
CA VAL A 170 8.68 -12.09 -7.78
C VAL A 170 8.48 -13.54 -7.37
N ARG A 171 9.57 -14.14 -6.92
CA ARG A 171 9.56 -15.53 -6.45
C ARG A 171 9.29 -15.54 -4.95
N PRO A 172 8.34 -16.35 -4.46
CA PRO A 172 8.02 -16.36 -3.05
C PRO A 172 9.24 -16.66 -2.22
N THR A 173 9.22 -16.09 -1.02
CA THR A 173 10.29 -16.23 -0.03
C THR A 173 10.22 -17.62 0.61
N PHE A 174 11.21 -17.90 1.43
CA PHE A 174 11.26 -19.19 2.12
C PHE A 174 10.19 -19.26 3.20
N LYS A 175 9.15 -19.89 2.80
CA LYS A 175 7.99 -20.20 3.63
C LYS A 175 7.59 -21.66 3.47
N GLU A 176 8.40 -22.26 2.60
CA GLU A 176 8.26 -23.66 2.21
C GLU A 176 8.23 -24.56 3.46
N GLY A 177 8.56 -23.96 4.59
CA GLY A 177 8.62 -24.67 5.89
C GLY A 177 7.29 -24.55 6.63
N ARG A 178 6.72 -25.71 6.96
CA ARG A 178 5.43 -25.81 7.65
C ARG A 178 4.34 -25.24 6.76
N GLU A 179 4.80 -25.04 5.58
CA GLU A 179 4.10 -24.51 4.41
C GLU A 179 5.02 -24.48 3.19
N LYS A 180 4.62 -23.85 2.16
CA LYS A 180 5.43 -23.74 0.94
C LYS A 180 5.49 -25.07 0.19
N GLY A 181 4.51 -25.24 -0.68
CA GLY A 181 4.41 -26.42 -1.56
C GLY A 181 5.79 -26.67 -2.14
N LEU A 182 6.56 -27.31 -1.32
CA LEU A 182 8.00 -27.55 -1.49
C LEU A 182 8.30 -28.34 -2.78
N THR A 183 7.34 -28.49 -3.66
CA THR A 183 7.53 -29.20 -4.93
C THR A 183 8.30 -28.34 -5.92
N LEU A 184 9.35 -28.93 -6.45
CA LEU A 184 10.23 -28.26 -7.43
C LEU A 184 10.87 -29.31 -8.34
N THR A 185 10.31 -29.49 -9.53
CA THR A 185 10.83 -30.54 -10.43
C THR A 185 10.68 -30.30 -11.95
N HIS A 186 9.51 -30.82 -12.38
CA HIS A 186 9.02 -30.94 -13.77
C HIS A 186 7.93 -29.93 -14.15
N GLU A 187 6.81 -30.24 -13.50
CA GLU A 187 5.58 -29.47 -13.57
C GLU A 187 5.73 -28.12 -12.87
N LEU A 188 6.87 -27.60 -13.21
CA LEU A 188 7.36 -26.32 -12.69
C LEU A 188 8.63 -25.87 -13.41
N VAL A 189 9.69 -26.63 -13.17
CA VAL A 189 11.01 -26.37 -13.74
C VAL A 189 10.93 -26.21 -15.25
N HIS A 190 10.33 -27.19 -15.90
CA HIS A 190 10.20 -27.20 -17.36
C HIS A 190 9.38 -26.00 -17.83
N PHE A 191 8.25 -25.79 -17.17
CA PHE A 191 7.37 -24.67 -17.51
C PHE A 191 8.12 -23.35 -17.33
N THR A 192 8.87 -23.25 -16.25
CA THR A 192 9.64 -22.03 -15.97
C THR A 192 10.59 -21.73 -17.13
N LYS A 193 11.28 -22.76 -17.61
CA LYS A 193 12.20 -22.57 -18.73
C LYS A 193 11.40 -22.01 -19.90
N PHE A 194 10.22 -22.58 -20.10
CA PHE A 194 9.30 -22.17 -21.15
C PHE A 194 8.96 -20.68 -21.00
N ILE A 195 8.66 -20.27 -19.77
CA ILE A 195 8.31 -18.88 -19.50
C ILE A 195 9.48 -17.93 -19.71
N LEU A 196 10.67 -18.32 -19.26
CA LEU A 196 11.83 -17.47 -19.43
C LEU A 196 12.30 -17.42 -20.87
N ALA A 197 12.02 -18.46 -21.64
CA ALA A 197 12.45 -18.49 -23.04
C ALA A 197 11.46 -17.79 -23.97
N GLU A 198 10.18 -18.11 -23.83
CA GLU A 198 9.16 -17.53 -24.69
C GLU A 198 8.58 -16.19 -24.21
N ILE A 199 8.23 -16.11 -22.93
CA ILE A 199 7.61 -14.90 -22.38
C ILE A 199 8.57 -13.81 -21.91
N PHE A 200 9.69 -14.19 -21.30
CA PHE A 200 10.65 -13.20 -20.82
C PHE A 200 12.07 -13.44 -21.35
N PRO A 201 12.23 -13.54 -22.68
CA PRO A 201 13.54 -13.76 -23.30
C PRO A 201 14.59 -12.79 -22.77
N GLY A 202 15.65 -13.34 -22.17
CA GLY A 202 16.70 -12.50 -21.62
C GLY A 202 16.24 -11.83 -20.35
N GLY A 203 15.10 -12.28 -19.83
CA GLY A 203 14.56 -11.70 -18.62
C GLY A 203 14.97 -12.47 -17.38
N TRP A 204 14.25 -12.25 -16.28
CA TRP A 204 14.58 -12.91 -15.03
C TRP A 204 13.53 -12.58 -13.98
N LEU A 205 13.21 -13.55 -13.13
CA LEU A 205 12.23 -13.34 -12.06
C LEU A 205 13.03 -13.20 -10.78
N PRO A 206 13.00 -12.03 -10.15
CA PRO A 206 13.76 -11.83 -8.92
C PRO A 206 13.08 -12.32 -7.65
N SER A 207 13.91 -12.56 -6.64
CA SER A 207 13.46 -12.97 -5.33
C SER A 207 13.25 -11.64 -4.62
N ILE A 208 12.43 -11.63 -3.57
CA ILE A 208 12.18 -10.41 -2.82
C ILE A 208 13.48 -9.85 -2.22
N PRO A 209 14.31 -10.72 -1.62
CA PRO A 209 15.58 -10.28 -1.03
C PRO A 209 16.48 -9.57 -2.04
N THR A 210 16.45 -10.02 -3.30
CA THR A 210 17.24 -9.42 -4.36
C THR A 210 16.78 -8.00 -4.68
N VAL A 211 15.46 -7.82 -4.82
CA VAL A 211 14.94 -6.49 -5.11
C VAL A 211 15.46 -5.56 -4.01
N HIS A 212 15.22 -5.96 -2.77
CA HIS A 212 15.68 -5.20 -1.61
C HIS A 212 17.18 -4.97 -1.70
N GLU A 213 17.90 -6.01 -2.08
CA GLU A 213 19.35 -5.97 -2.20
C GLU A 213 19.85 -4.80 -3.04
N TYR A 214 19.50 -4.81 -4.32
CA TYR A 214 19.94 -3.77 -5.24
C TYR A 214 19.34 -2.40 -5.07
N ALA A 215 18.09 -2.35 -4.62
CA ALA A 215 17.43 -1.06 -4.44
C ALA A 215 18.15 -0.31 -3.33
N GLU A 216 18.24 -0.95 -2.16
CA GLU A 216 18.88 -0.36 -1.00
C GLU A 216 20.35 -0.03 -1.19
N LYS A 217 21.04 -0.77 -2.06
CA LYS A 217 22.46 -0.53 -2.29
C LYS A 217 22.78 0.74 -3.09
N VAL A 218 21.75 1.42 -3.59
CA VAL A 218 21.99 2.65 -4.32
C VAL A 218 21.45 3.82 -3.51
N GLY A 219 20.86 3.52 -2.36
CA GLY A 219 20.33 4.56 -1.49
C GLY A 219 18.83 4.51 -1.27
N PHE A 220 18.12 3.67 -2.02
CA PHE A 220 16.67 3.56 -1.88
C PHE A 220 16.24 2.93 -0.58
N ARG A 221 15.14 3.44 -0.05
CA ARG A 221 14.54 2.91 1.15
C ARG A 221 13.22 2.28 0.69
N VAL A 222 13.03 1.00 0.97
CA VAL A 222 11.80 0.33 0.59
C VAL A 222 10.80 0.62 1.70
N THR A 223 9.94 1.60 1.47
CA THR A 223 8.96 2.01 2.47
C THR A 223 7.62 1.28 2.46
N ALA A 224 7.35 0.51 1.41
CA ALA A 224 6.10 -0.22 1.31
C ALA A 224 6.17 -1.36 0.29
N VAL A 225 5.44 -2.44 0.59
CA VAL A 225 5.37 -3.58 -0.32
C VAL A 225 3.96 -4.14 -0.26
N GLN A 226 3.41 -4.48 -1.40
CA GLN A 226 2.06 -5.02 -1.46
C GLN A 226 2.03 -6.16 -2.44
N SER A 227 1.52 -7.31 -2.01
CA SER A 227 1.44 -8.46 -2.90
C SER A 227 0.07 -8.51 -3.58
N LEU A 228 0.04 -8.93 -4.84
CA LEU A 228 -1.20 -9.03 -5.60
C LEU A 228 -1.34 -10.41 -6.20
N GLN A 229 -0.75 -11.39 -5.53
CA GLN A 229 -0.76 -12.77 -5.99
C GLN A 229 -2.04 -13.28 -6.66
N LEU A 230 -3.16 -13.25 -5.92
CA LEU A 230 -4.42 -13.75 -6.44
C LEU A 230 -5.06 -12.87 -7.52
N HIS A 231 -4.65 -11.62 -7.60
CA HIS A 231 -5.20 -10.74 -8.62
C HIS A 231 -4.58 -11.13 -9.96
N TYR A 232 -3.35 -11.64 -9.93
CA TYR A 232 -2.72 -12.02 -11.19
C TYR A 232 -3.33 -13.31 -11.72
N ALA A 233 -3.68 -14.22 -10.82
CA ALA A 233 -4.29 -15.48 -11.24
C ALA A 233 -5.59 -15.20 -12.00
N ARG A 234 -6.40 -14.26 -11.51
CA ARG A 234 -7.65 -13.95 -12.17
C ARG A 234 -7.46 -13.15 -13.47
N THR A 235 -6.41 -12.36 -13.52
CA THR A 235 -6.10 -11.58 -14.71
C THR A 235 -5.77 -12.59 -15.80
N LEU A 236 -4.87 -13.51 -15.48
CA LEU A 236 -4.46 -14.54 -16.43
C LEU A 236 -5.64 -15.38 -16.89
N ASP A 237 -6.54 -15.73 -15.97
CA ASP A 237 -7.72 -16.51 -16.35
C ASP A 237 -8.52 -15.73 -17.37
N MET A 238 -8.74 -14.46 -17.10
CA MET A 238 -9.52 -13.64 -18.02
C MET A 238 -8.85 -13.44 -19.37
N TRP A 239 -7.53 -13.29 -19.41
CA TRP A 239 -6.86 -13.14 -20.70
C TRP A 239 -7.02 -14.43 -21.49
N ALA A 240 -6.94 -15.57 -20.80
CA ALA A 240 -7.08 -16.87 -21.44
C ALA A 240 -8.47 -17.05 -22.04
N THR A 241 -9.49 -16.77 -21.23
CA THR A 241 -10.88 -16.89 -21.67
C THR A 241 -11.16 -16.05 -22.91
N ALA A 242 -10.61 -14.85 -22.95
CA ALA A 242 -10.78 -13.95 -24.08
C ALA A 242 -10.08 -14.47 -25.34
N LEU A 243 -8.83 -14.91 -25.17
CA LEU A 243 -8.05 -15.44 -26.28
C LEU A 243 -8.78 -16.64 -26.86
N GLU A 244 -9.21 -17.54 -25.98
CA GLU A 244 -9.93 -18.74 -26.41
C GLU A 244 -11.15 -18.41 -27.25
N ALA A 245 -11.97 -17.47 -26.77
CA ALA A 245 -13.18 -17.08 -27.48
C ALA A 245 -12.85 -16.50 -28.86
N ASN A 246 -11.64 -15.97 -29.01
CA ASN A 246 -11.22 -15.37 -30.28
C ASN A 246 -10.20 -16.25 -30.99
N LYS A 247 -10.27 -17.55 -30.74
CA LYS A 247 -9.35 -18.52 -31.34
C LYS A 247 -9.17 -18.41 -32.85
N ASP A 248 -10.27 -18.61 -33.59
CA ASP A 248 -10.20 -18.55 -35.05
C ASP A 248 -9.46 -17.31 -35.57
N GLN A 249 -9.84 -16.13 -35.07
CA GLN A 249 -9.19 -14.91 -35.52
C GLN A 249 -7.71 -14.88 -35.12
N ALA A 250 -7.38 -15.42 -33.95
CA ALA A 250 -6.00 -15.43 -33.49
C ALA A 250 -5.14 -16.30 -34.40
N ILE A 251 -5.66 -17.46 -34.78
CA ILE A 251 -4.95 -18.38 -35.65
C ILE A 251 -4.83 -17.83 -37.07
N ALA A 252 -5.83 -17.05 -37.49
CA ALA A 252 -5.83 -16.48 -38.84
C ALA A 252 -4.77 -15.39 -39.01
N ILE A 253 -4.60 -14.58 -37.97
CA ILE A 253 -3.64 -13.47 -37.98
C ILE A 253 -2.21 -13.92 -37.70
N GLN A 254 -2.07 -14.96 -36.89
CA GLN A 254 -0.74 -15.50 -36.57
C GLN A 254 -0.67 -17.00 -36.93
N SER A 255 -0.96 -17.86 -35.95
CA SER A 255 -0.93 -19.31 -36.19
C SER A 255 -1.34 -20.09 -34.96
N GLN A 256 -1.60 -21.38 -35.17
CA GLN A 256 -1.99 -22.28 -34.09
C GLN A 256 -0.84 -22.36 -33.10
N THR A 257 0.38 -22.32 -33.62
CA THR A 257 1.57 -22.40 -32.77
C THR A 257 1.63 -21.25 -31.78
N VAL A 258 1.39 -20.04 -32.26
CA VAL A 258 1.42 -18.86 -31.39
C VAL A 258 0.27 -18.94 -30.40
N TYR A 259 -0.91 -19.29 -30.91
CA TYR A 259 -2.10 -19.40 -30.08
C TYR A 259 -1.85 -20.37 -28.92
N ASP A 260 -1.50 -21.61 -29.24
CA ASP A 260 -1.25 -22.62 -28.21
C ASP A 260 -0.14 -22.13 -27.28
N ARG A 261 0.83 -21.42 -27.84
CA ARG A 261 1.94 -20.90 -27.06
C ARG A 261 1.38 -19.99 -25.94
N TYR A 262 0.53 -19.06 -26.33
CA TYR A 262 -0.04 -18.15 -25.34
C TYR A 262 -1.04 -18.80 -24.39
N MET A 263 -1.92 -19.66 -24.91
CA MET A 263 -2.89 -20.32 -24.04
C MET A 263 -2.15 -21.11 -22.96
N LYS A 264 -1.06 -21.77 -23.35
CA LYS A 264 -0.25 -22.57 -22.42
C LYS A 264 0.37 -21.68 -21.36
N TYR A 265 0.73 -20.48 -21.78
CA TYR A 265 1.34 -19.51 -20.89
C TYR A 265 0.32 -18.97 -19.90
N LEU A 266 -0.81 -18.53 -20.41
CA LEU A 266 -1.85 -17.97 -19.57
C LEU A 266 -2.46 -18.96 -18.58
N THR A 267 -2.87 -20.12 -19.07
CA THR A 267 -3.47 -21.12 -18.20
C THR A 267 -2.47 -21.68 -17.19
N GLY A 268 -1.24 -21.90 -17.65
CA GLY A 268 -0.20 -22.42 -16.77
C GLY A 268 0.22 -21.48 -15.67
N CYS A 269 0.38 -20.20 -15.98
CA CYS A 269 0.79 -19.23 -14.98
C CYS A 269 -0.36 -18.94 -14.01
N ALA A 270 -1.59 -19.05 -14.49
CA ALA A 270 -2.73 -18.80 -13.62
C ALA A 270 -2.68 -19.80 -12.47
N LYS A 271 -2.34 -21.05 -12.79
CA LYS A 271 -2.23 -22.12 -11.79
C LYS A 271 -1.09 -21.86 -10.80
N LEU A 272 0.04 -21.37 -11.32
CA LEU A 272 1.20 -21.12 -10.48
C LEU A 272 1.02 -20.06 -9.43
N PHE A 273 0.46 -18.90 -9.81
CA PHE A 273 0.25 -17.84 -8.83
C PHE A 273 -0.86 -18.23 -7.86
N ARG A 274 -1.81 -19.01 -8.35
CA ARG A 274 -2.93 -19.45 -7.52
C ARG A 274 -2.44 -20.45 -6.47
N GLN A 275 -1.47 -21.29 -6.84
CA GLN A 275 -0.91 -22.26 -5.92
C GLN A 275 0.26 -21.70 -5.12
N GLY A 276 0.58 -20.43 -5.36
CA GLY A 276 1.65 -19.78 -4.62
C GLY A 276 3.09 -20.00 -5.07
N TYR A 277 3.30 -20.52 -6.27
CA TYR A 277 4.65 -20.75 -6.78
C TYR A 277 5.35 -19.45 -7.19
N THR A 278 4.55 -18.43 -7.48
CA THR A 278 5.08 -17.13 -7.86
C THR A 278 4.18 -16.04 -7.28
N ASP A 279 4.67 -14.81 -7.24
CA ASP A 279 3.89 -13.70 -6.68
C ASP A 279 4.14 -12.44 -7.52
N VAL A 280 3.37 -11.39 -7.22
CA VAL A 280 3.53 -10.10 -7.90
C VAL A 280 3.49 -9.05 -6.79
N ASP A 281 4.55 -8.26 -6.69
CA ASP A 281 4.67 -7.25 -5.66
C ASP A 281 4.83 -5.83 -6.20
N GLN A 282 4.37 -4.86 -5.43
CA GLN A 282 4.51 -3.47 -5.79
C GLN A 282 5.40 -2.91 -4.69
N PHE A 283 6.59 -2.45 -5.06
CA PHE A 283 7.54 -1.90 -4.11
C PHE A 283 7.55 -0.39 -4.20
N THR A 284 7.35 0.28 -3.08
CA THR A 284 7.40 1.71 -3.07
C THR A 284 8.79 2.02 -2.54
N LEU A 285 9.58 2.73 -3.35
CA LEU A 285 10.94 3.07 -2.98
C LEU A 285 11.13 4.59 -2.92
N GLU A 286 11.67 5.08 -1.80
CA GLU A 286 11.90 6.50 -1.64
C GLU A 286 13.40 6.82 -1.71
N LYS A 287 13.74 7.87 -2.46
CA LYS A 287 15.14 8.26 -2.60
C LYS A 287 15.68 8.75 -1.26
N TYR B 16 -9.56 9.04 36.79
CA TYR B 16 -9.95 10.08 35.78
C TYR B 16 -8.90 10.23 34.69
N ASP B 17 -9.35 10.33 33.45
CA ASP B 17 -8.43 10.53 32.33
C ASP B 17 -8.14 12.01 32.23
N LEU B 18 -7.30 12.39 31.27
CA LEU B 18 -6.96 13.79 31.07
C LEU B 18 -8.08 14.61 30.47
N SER B 19 -8.21 15.86 30.92
CA SER B 19 -9.22 16.74 30.39
C SER B 19 -8.98 16.75 28.88
N ASP B 20 -10.05 16.87 28.10
CA ASP B 20 -9.85 16.88 26.66
C ASP B 20 -9.18 18.20 26.29
N ASP B 21 -9.47 19.26 27.04
CA ASP B 21 -8.86 20.54 26.73
C ASP B 21 -7.35 20.49 26.87
N PHE B 22 -6.84 19.46 27.54
CA PHE B 22 -5.40 19.32 27.65
C PHE B 22 -4.92 18.79 26.29
N PHE B 23 -5.64 17.79 25.78
CA PHE B 23 -5.31 17.20 24.49
C PHE B 23 -5.48 18.19 23.34
N ARG B 24 -6.45 19.10 23.46
CA ARG B 24 -6.67 20.07 22.40
C ARG B 24 -5.58 21.14 22.39
N LEU B 25 -4.69 21.07 23.38
CA LEU B 25 -3.59 22.01 23.49
C LEU B 25 -2.46 21.70 22.52
N PHE B 26 -2.35 20.44 22.10
CA PHE B 26 -1.28 20.05 21.18
C PHE B 26 -1.70 19.24 19.95
N LEU B 27 -2.85 18.56 20.03
CA LEU B 27 -3.35 17.77 18.90
C LEU B 27 -4.00 18.73 17.90
N ASP B 28 -4.16 18.29 16.66
CA ASP B 28 -4.78 19.11 15.64
C ASP B 28 -6.29 19.13 15.92
N PRO B 29 -7.02 20.10 15.34
CA PRO B 29 -8.47 20.18 15.58
C PRO B 29 -9.31 18.90 15.44
N THR B 30 -8.86 17.95 14.62
CA THR B 30 -9.59 16.69 14.46
C THR B 30 -9.26 15.78 15.63
N GLN B 31 -8.33 16.23 16.46
CA GLN B 31 -7.89 15.47 17.63
C GLN B 31 -7.39 14.07 17.31
N THR B 32 -6.76 13.90 16.16
CA THR B 32 -6.20 12.61 15.77
C THR B 32 -5.00 12.40 16.69
N TYR B 33 -4.92 11.24 17.33
CA TYR B 33 -3.83 10.98 18.27
C TYR B 33 -2.94 9.82 17.83
N SER B 34 -2.36 9.93 16.65
CA SER B 34 -1.49 8.89 16.11
C SER B 34 -0.57 9.50 15.05
N CYS B 35 0.38 8.70 14.57
CA CYS B 35 1.33 9.15 13.55
C CYS B 35 0.65 9.73 12.31
N ALA B 36 1.02 10.96 11.97
CA ALA B 36 0.46 11.61 10.80
C ALA B 36 1.16 11.06 9.56
N TYR B 37 0.76 11.55 8.39
CA TYR B 37 1.34 11.13 7.12
C TYR B 37 1.66 12.38 6.30
N PHE B 38 2.93 12.77 6.28
CA PHE B 38 3.34 13.97 5.53
C PHE B 38 3.71 13.73 4.08
N GLU B 39 2.72 13.78 3.20
CA GLU B 39 2.94 13.59 1.77
C GLU B 39 3.74 14.73 1.14
N ARG B 40 3.23 15.96 1.29
CA ARG B 40 3.84 17.14 0.71
C ARG B 40 4.88 17.85 1.57
N ASP B 41 5.24 17.26 2.70
CA ASP B 41 6.23 17.85 3.59
C ASP B 41 5.89 19.25 4.11
N ASP B 42 5.02 19.96 3.39
CA ASP B 42 4.64 21.31 3.80
C ASP B 42 3.26 21.36 4.44
N MET B 43 2.60 20.20 4.51
CA MET B 43 1.28 20.10 5.10
C MET B 43 1.25 20.54 6.56
N THR B 44 0.11 21.02 7.00
CA THR B 44 -0.05 21.39 8.41
C THR B 44 -0.26 20.05 9.10
N LEU B 45 -0.29 20.06 10.43
CA LEU B 45 -0.50 18.82 11.16
C LEU B 45 -1.84 18.22 10.72
N GLN B 46 -2.89 19.05 10.68
CA GLN B 46 -4.22 18.60 10.29
C GLN B 46 -4.34 17.97 8.90
N GLU B 47 -3.68 18.56 7.90
CA GLU B 47 -3.77 17.97 6.57
C GLU B 47 -3.11 16.59 6.59
N ALA B 48 -1.98 16.51 7.30
CA ALA B 48 -1.24 15.25 7.41
C ALA B 48 -2.05 14.16 8.12
N GLN B 49 -2.86 14.55 9.10
CA GLN B 49 -3.66 13.54 9.80
C GLN B 49 -4.77 13.10 8.84
N ILE B 50 -5.31 14.05 8.09
CA ILE B 50 -6.35 13.72 7.12
C ILE B 50 -5.71 12.83 6.05
N ALA B 51 -4.46 13.11 5.70
CA ALA B 51 -3.76 12.33 4.71
C ALA B 51 -3.53 10.91 5.21
N LYS B 52 -3.27 10.77 6.51
CA LYS B 52 -3.05 9.45 7.12
C LYS B 52 -4.34 8.62 7.08
N ILE B 53 -5.43 9.22 7.57
CA ILE B 53 -6.73 8.55 7.57
C ILE B 53 -7.04 8.02 6.17
N ASP B 54 -6.93 8.86 5.15
CA ASP B 54 -7.20 8.42 3.79
C ASP B 54 -6.28 7.27 3.36
N LEU B 55 -5.01 7.33 3.75
CA LEU B 55 -4.08 6.27 3.40
C LEU B 55 -4.56 4.93 3.95
N ALA B 56 -4.98 4.95 5.22
CA ALA B 56 -5.46 3.75 5.88
C ALA B 56 -6.78 3.20 5.32
N LEU B 57 -7.76 4.08 5.10
CA LEU B 57 -9.05 3.65 4.58
C LEU B 57 -8.96 3.25 3.11
N GLY B 58 -8.07 3.90 2.37
CA GLY B 58 -7.90 3.59 0.96
C GLY B 58 -7.54 2.13 0.76
N LYS B 59 -6.83 1.57 1.74
CA LYS B 59 -6.39 0.19 1.69
C LYS B 59 -7.48 -0.82 2.05
N LEU B 60 -8.56 -0.36 2.66
CA LEU B 60 -9.62 -1.28 3.04
C LEU B 60 -10.61 -1.53 1.89
N ASN B 61 -10.45 -0.79 0.80
CA ASN B 61 -11.32 -0.95 -0.36
C ASN B 61 -12.77 -0.92 0.10
N LEU B 62 -13.20 0.25 0.55
CA LEU B 62 -14.54 0.45 1.08
C LEU B 62 -15.67 0.58 0.08
N GLU B 63 -16.68 -0.27 0.23
CA GLU B 63 -17.87 -0.23 -0.61
C GLU B 63 -19.02 0.21 0.29
N PRO B 64 -19.81 1.18 -0.16
CA PRO B 64 -20.93 1.66 0.65
C PRO B 64 -21.79 0.51 1.18
N GLY B 65 -22.45 0.75 2.30
CA GLY B 65 -23.31 -0.27 2.87
C GLY B 65 -22.59 -1.18 3.84
N MET B 66 -21.27 -1.29 3.69
CA MET B 66 -20.49 -2.14 4.56
C MET B 66 -20.43 -1.54 5.96
N THR B 67 -20.10 -2.37 6.94
CA THR B 67 -20.00 -1.92 8.31
C THR B 67 -18.52 -1.89 8.65
N LEU B 68 -18.00 -0.71 8.94
CA LEU B 68 -16.59 -0.54 9.29
C LEU B 68 -16.39 -0.41 10.79
N LEU B 69 -15.63 -1.34 11.37
CA LEU B 69 -15.32 -1.32 12.79
C LEU B 69 -14.01 -0.55 13.00
N ASP B 70 -14.00 0.34 14.01
CA ASP B 70 -12.80 1.11 14.33
C ASP B 70 -12.42 0.78 15.77
N ILE B 71 -11.40 -0.05 15.93
CA ILE B 71 -10.95 -0.43 17.25
C ILE B 71 -10.02 0.65 17.80
N GLY B 72 -10.48 1.35 18.84
CA GLY B 72 -9.71 2.43 19.42
C GLY B 72 -9.98 3.65 18.55
N CYS B 73 -11.24 4.02 18.45
CA CYS B 73 -11.68 5.13 17.59
C CYS B 73 -11.27 6.52 18.02
N GLY B 74 -10.63 6.65 19.18
CA GLY B 74 -10.24 7.98 19.64
C GLY B 74 -11.42 8.93 19.55
N TRP B 75 -11.16 10.16 19.13
CA TRP B 75 -12.23 11.14 19.05
C TRP B 75 -13.06 11.13 17.76
N GLY B 76 -13.14 9.98 17.11
CA GLY B 76 -13.96 9.84 15.91
C GLY B 76 -13.53 10.26 14.52
N ALA B 77 -12.48 11.09 14.39
CA ALA B 77 -12.07 11.56 13.07
C ALA B 77 -11.99 10.50 11.96
N THR B 78 -11.46 9.32 12.28
CA THR B 78 -11.37 8.29 11.26
C THR B 78 -12.74 7.78 10.79
N MET B 79 -13.64 7.50 11.73
CA MET B 79 -14.96 7.01 11.34
C MET B 79 -15.72 8.08 10.57
N ARG B 80 -15.59 9.33 11.02
CA ARG B 80 -16.25 10.45 10.36
C ARG B 80 -15.86 10.51 8.89
N ARG B 81 -14.56 10.36 8.64
CA ARG B 81 -14.03 10.40 7.28
C ARG B 81 -14.62 9.26 6.45
N ALA B 82 -14.70 8.08 7.06
CA ALA B 82 -15.24 6.90 6.37
C ALA B 82 -16.68 7.05 5.91
N ILE B 83 -17.42 7.95 6.56
CA ILE B 83 -18.80 8.20 6.20
C ILE B 83 -18.88 9.19 5.05
N GLU B 84 -18.25 10.34 5.23
CA GLU B 84 -18.25 11.40 4.25
C GLU B 84 -17.50 11.10 2.96
N LYS B 85 -16.77 9.98 2.91
CA LYS B 85 -16.04 9.64 1.69
C LYS B 85 -16.22 8.21 1.20
N TYR B 86 -16.73 7.33 2.05
CA TYR B 86 -16.92 5.94 1.64
C TYR B 86 -18.34 5.41 1.91
N ASP B 87 -19.18 6.27 2.48
CA ASP B 87 -20.57 5.92 2.78
C ASP B 87 -20.79 4.56 3.42
N VAL B 88 -20.05 4.28 4.48
CA VAL B 88 -20.21 3.00 5.16
C VAL B 88 -20.79 3.22 6.56
N ASN B 89 -21.29 2.15 7.15
CA ASN B 89 -21.83 2.23 8.50
C ASN B 89 -20.59 2.16 9.39
N VAL B 90 -20.69 2.65 10.62
CA VAL B 90 -19.54 2.59 11.50
C VAL B 90 -19.83 2.16 12.94
N VAL B 91 -18.85 1.49 13.52
CA VAL B 91 -18.91 1.01 14.89
C VAL B 91 -17.52 1.29 15.46
N GLY B 92 -17.47 2.13 16.49
CA GLY B 92 -16.20 2.46 17.10
C GLY B 92 -16.14 2.01 18.54
N LEU B 93 -15.02 1.45 18.94
CA LEU B 93 -14.84 1.00 20.31
C LEU B 93 -13.75 1.88 20.91
N THR B 94 -13.94 2.27 22.16
CA THR B 94 -12.97 3.10 22.87
C THR B 94 -13.18 2.92 24.37
N LEU B 95 -12.10 3.00 25.14
CA LEU B 95 -12.18 2.85 26.58
C LEU B 95 -12.29 4.21 27.28
N SER B 96 -12.37 5.28 26.50
CA SER B 96 -12.48 6.62 27.07
C SER B 96 -13.90 7.16 27.05
N GLU B 97 -14.47 7.37 28.23
CA GLU B 97 -15.83 7.89 28.30
C GLU B 97 -15.94 9.27 27.65
N ASN B 98 -14.87 10.05 27.68
CA ASN B 98 -14.88 11.37 27.05
C ASN B 98 -14.99 11.26 25.53
N GLN B 99 -14.20 10.35 24.96
CA GLN B 99 -14.21 10.14 23.52
C GLN B 99 -15.59 9.63 23.08
N ALA B 100 -16.13 8.68 23.84
CA ALA B 100 -17.45 8.13 23.52
C ALA B 100 -18.48 9.25 23.40
N GLY B 101 -18.47 10.17 24.36
CA GLY B 101 -19.41 11.27 24.33
C GLY B 101 -19.11 12.29 23.24
N HIS B 102 -17.82 12.51 22.98
CA HIS B 102 -17.42 13.45 21.94
C HIS B 102 -17.77 12.90 20.56
N VAL B 103 -17.59 11.59 20.38
CA VAL B 103 -17.90 10.97 19.11
C VAL B 103 -19.42 10.95 18.92
N GLN B 104 -20.12 10.71 20.03
CA GLN B 104 -21.58 10.66 20.02
C GLN B 104 -22.15 11.96 19.45
N LYS B 105 -21.88 13.06 20.13
CA LYS B 105 -22.37 14.37 19.71
C LYS B 105 -21.94 14.70 18.29
N MET B 106 -20.72 14.28 17.93
CA MET B 106 -20.21 14.53 16.58
C MET B 106 -21.14 13.85 15.58
N PHE B 107 -21.58 12.65 15.92
CA PHE B 107 -22.48 11.89 15.06
C PHE B 107 -23.86 12.54 14.93
N ASP B 108 -24.35 13.13 16.01
CA ASP B 108 -25.67 13.76 16.00
C ASP B 108 -25.81 15.03 15.16
N GLN B 109 -24.72 15.47 14.56
CA GLN B 109 -24.77 16.68 13.74
C GLN B 109 -24.34 16.40 12.30
N MET B 110 -24.36 15.14 11.91
CA MET B 110 -23.96 14.74 10.56
C MET B 110 -25.14 14.55 9.62
N ASP B 111 -24.86 14.65 8.32
CA ASP B 111 -25.87 14.50 7.27
C ASP B 111 -25.76 13.14 6.58
N THR B 112 -26.35 12.10 7.18
CA THR B 112 -26.31 10.76 6.61
C THR B 112 -27.32 9.78 7.20
N PRO B 113 -27.63 8.71 6.45
CA PRO B 113 -28.57 7.66 6.86
C PRO B 113 -27.86 6.38 7.33
N ARG B 114 -26.55 6.44 7.47
CA ARG B 114 -25.78 5.26 7.89
C ARG B 114 -25.72 5.10 9.40
N SER B 115 -25.73 3.85 9.85
CA SER B 115 -25.68 3.56 11.29
C SER B 115 -24.28 3.91 11.81
N ARG B 116 -24.23 4.77 12.82
CA ARG B 116 -22.96 5.19 13.39
C ARG B 116 -23.01 5.15 14.90
N ARG B 117 -22.30 4.19 15.48
CA ARG B 117 -22.32 4.05 16.92
C ARG B 117 -20.95 3.89 17.56
N VAL B 118 -20.86 4.28 18.83
CA VAL B 118 -19.63 4.18 19.60
C VAL B 118 -19.94 3.32 20.82
N LEU B 119 -19.08 2.34 21.09
CA LEU B 119 -19.25 1.43 22.22
C LEU B 119 -18.14 1.62 23.24
N LEU B 120 -18.53 1.75 24.51
CA LEU B 120 -17.58 1.92 25.60
C LEU B 120 -17.12 0.56 26.13
N GLU B 121 -16.43 -0.19 25.28
CA GLU B 121 -15.93 -1.50 25.68
C GLU B 121 -14.69 -1.89 24.87
N GLY B 122 -14.02 -2.94 25.32
CA GLY B 122 -12.82 -3.40 24.63
C GLY B 122 -13.18 -4.35 23.52
N TRP B 123 -12.21 -4.64 22.66
CA TRP B 123 -12.44 -5.55 21.55
C TRP B 123 -12.63 -6.97 22.09
N GLU B 124 -12.23 -7.16 23.35
CA GLU B 124 -12.33 -8.46 24.00
C GLU B 124 -13.76 -8.97 24.07
N LYS B 125 -14.69 -8.05 24.37
CA LYS B 125 -16.09 -8.41 24.48
C LYS B 125 -16.92 -8.07 23.25
N PHE B 126 -16.26 -7.82 22.13
CA PHE B 126 -16.97 -7.52 20.89
C PHE B 126 -17.45 -8.85 20.31
N ASP B 127 -18.73 -8.92 19.96
CA ASP B 127 -19.32 -10.12 19.41
C ASP B 127 -20.29 -9.73 18.29
N GLU B 128 -19.73 -9.40 17.12
CA GLU B 128 -20.53 -9.00 15.96
C GLU B 128 -19.73 -9.03 14.66
N PRO B 129 -20.42 -9.28 13.53
CA PRO B 129 -19.75 -9.32 12.23
C PRO B 129 -19.73 -7.97 11.51
N VAL B 130 -18.62 -7.69 10.86
CA VAL B 130 -18.46 -6.46 10.10
C VAL B 130 -17.71 -6.81 8.82
N ASP B 131 -17.58 -5.87 7.90
CA ASP B 131 -16.90 -6.12 6.64
C ASP B 131 -15.42 -5.80 6.65
N ARG B 132 -15.06 -4.74 7.35
CA ARG B 132 -13.66 -4.31 7.43
C ARG B 132 -13.33 -3.79 8.81
N ILE B 133 -12.07 -3.92 9.19
CA ILE B 133 -11.63 -3.46 10.50
C ILE B 133 -10.46 -2.51 10.36
N VAL B 134 -10.46 -1.46 11.18
CA VAL B 134 -9.37 -0.50 11.17
C VAL B 134 -8.99 -0.27 12.62
N SER B 135 -7.70 -0.23 12.89
CA SER B 135 -7.19 0.02 14.22
C SER B 135 -5.92 0.84 14.02
N ILE B 136 -5.95 2.08 14.48
CA ILE B 136 -4.81 2.99 14.34
C ILE B 136 -4.34 3.49 15.70
N GLY B 137 -3.13 3.08 16.09
CA GLY B 137 -2.59 3.52 17.36
C GLY B 137 -3.24 2.97 18.62
N ALA B 138 -3.90 1.82 18.53
CA ALA B 138 -4.54 1.21 19.71
C ALA B 138 -3.77 -0.03 20.15
N PHE B 139 -3.24 -0.76 19.17
CA PHE B 139 -2.50 -1.99 19.39
C PHE B 139 -1.42 -1.89 20.48
N GLU B 140 -0.71 -0.77 20.55
CA GLU B 140 0.34 -0.61 21.55
C GLU B 140 -0.20 -0.71 22.98
N HIS B 141 -1.50 -0.45 23.16
CA HIS B 141 -2.11 -0.50 24.48
C HIS B 141 -2.53 -1.91 24.91
N PHE B 142 -2.69 -2.81 23.94
CA PHE B 142 -3.14 -4.18 24.23
C PHE B 142 -2.28 -5.03 25.16
N GLY B 143 -1.04 -5.27 24.78
CA GLY B 143 -0.17 -6.10 25.59
C GLY B 143 0.02 -7.44 24.92
N HIS B 144 1.27 -7.88 24.84
CA HIS B 144 1.63 -9.14 24.21
C HIS B 144 0.75 -10.31 24.61
N GLN B 145 0.37 -10.34 25.89
CA GLN B 145 -0.47 -11.41 26.44
C GLN B 145 -1.80 -11.61 25.71
N ARG B 146 -2.29 -10.57 25.04
CA ARG B 146 -3.57 -10.66 24.34
C ARG B 146 -3.46 -10.69 22.82
N TYR B 147 -2.25 -10.87 22.30
CA TYR B 147 -2.08 -10.88 20.85
C TYR B 147 -2.82 -11.99 20.13
N HIS B 148 -2.57 -13.24 20.50
CA HIS B 148 -3.25 -14.35 19.86
C HIS B 148 -4.76 -14.16 19.97
N HIS B 149 -5.20 -13.66 21.11
CA HIS B 149 -6.62 -13.43 21.36
C HIS B 149 -7.18 -12.33 20.44
N PHE B 150 -6.40 -11.27 20.23
CA PHE B 150 -6.82 -10.16 19.38
C PHE B 150 -7.03 -10.60 17.93
N PHE B 151 -5.98 -11.12 17.29
CA PHE B 151 -6.10 -11.56 15.90
C PHE B 151 -7.20 -12.61 15.78
N GLU B 152 -7.26 -13.50 16.76
CA GLU B 152 -8.27 -14.56 16.79
C GLU B 152 -9.65 -13.91 16.78
N VAL B 153 -9.75 -12.76 17.44
CA VAL B 153 -11.02 -12.03 17.53
C VAL B 153 -11.42 -11.37 16.22
N THR B 154 -10.54 -10.55 15.66
CA THR B 154 -10.80 -9.83 14.42
C THR B 154 -10.83 -10.73 13.18
N HIS B 155 -10.13 -11.86 13.24
CA HIS B 155 -10.10 -12.77 12.10
C HIS B 155 -11.46 -13.46 11.86
N ARG B 156 -12.32 -13.50 12.87
CA ARG B 156 -13.60 -14.16 12.70
C ARG B 156 -14.79 -13.21 12.56
N THR B 157 -14.55 -11.91 12.66
CA THR B 157 -15.64 -10.95 12.52
C THR B 157 -15.69 -10.51 11.06
N LEU B 158 -14.66 -10.89 10.31
CA LEU B 158 -14.57 -10.54 8.90
C LEU B 158 -15.05 -11.67 8.00
N PRO B 159 -15.77 -11.33 6.92
CA PRO B 159 -16.30 -12.29 5.94
C PRO B 159 -15.19 -12.84 5.05
N ALA B 160 -15.54 -13.22 3.83
CA ALA B 160 -14.58 -13.78 2.88
C ALA B 160 -13.55 -12.77 2.39
N ASP B 161 -14.02 -11.69 1.76
CA ASP B 161 -13.10 -10.68 1.24
C ASP B 161 -12.93 -9.54 2.23
N GLY B 162 -12.78 -9.89 3.50
CA GLY B 162 -12.61 -8.89 4.53
C GLY B 162 -11.16 -8.53 4.73
N LYS B 163 -10.91 -7.30 5.13
CA LYS B 163 -9.55 -6.84 5.37
C LYS B 163 -9.48 -5.99 6.63
N MET B 164 -8.30 -5.96 7.23
CA MET B 164 -8.06 -5.17 8.43
C MET B 164 -6.74 -4.40 8.26
N LEU B 165 -6.80 -3.10 8.52
CA LEU B 165 -5.62 -2.27 8.43
C LEU B 165 -5.18 -2.00 9.86
N LEU B 166 -4.07 -2.63 10.25
CA LEU B 166 -3.52 -2.46 11.59
C LEU B 166 -2.30 -1.53 11.55
N HIS B 167 -2.43 -0.37 12.19
CA HIS B 167 -1.38 0.64 12.26
C HIS B 167 -0.91 0.73 13.70
N THR B 168 0.40 0.55 13.88
CA THR B 168 1.01 0.53 15.22
C THR B 168 2.51 0.76 15.18
N ILE B 169 3.05 1.15 16.32
CA ILE B 169 4.48 1.35 16.47
C ILE B 169 5.02 -0.08 16.44
N VAL B 170 6.28 -0.24 16.04
CA VAL B 170 6.91 -1.56 15.97
C VAL B 170 8.40 -1.48 16.24
N ARG B 171 9.00 -2.63 16.55
CA ARG B 171 10.43 -2.70 16.83
C ARG B 171 11.12 -3.50 15.72
N PRO B 172 11.87 -2.83 14.85
CA PRO B 172 12.55 -3.49 13.73
C PRO B 172 13.46 -4.55 14.26
N THR B 173 13.89 -5.46 13.37
CA THR B 173 14.78 -6.57 13.80
C THR B 173 15.56 -7.20 12.63
N PHE B 174 16.75 -7.66 12.98
CA PHE B 174 17.68 -8.38 12.10
C PHE B 174 18.03 -7.64 10.80
N LYS B 175 17.46 -6.48 10.61
CA LYS B 175 17.64 -5.76 9.35
C LYS B 175 18.24 -4.38 9.57
N LEU B 188 18.06 2.58 27.06
CA LEU B 188 16.82 1.85 27.01
C LEU B 188 16.37 1.39 28.41
N VAL B 189 15.09 1.00 28.46
CA VAL B 189 14.37 0.45 29.66
C VAL B 189 13.97 1.51 30.69
N HIS B 190 14.75 2.56 30.73
CA HIS B 190 14.49 3.67 31.64
C HIS B 190 13.50 4.60 30.97
N PHE B 191 13.31 4.38 29.68
CA PHE B 191 12.37 5.17 28.91
C PHE B 191 11.30 4.23 28.39
N THR B 192 11.72 3.07 27.88
CA THR B 192 10.77 2.08 27.36
C THR B 192 9.80 1.73 28.49
N LYS B 193 10.35 1.52 29.69
CA LYS B 193 9.54 1.19 30.85
C LYS B 193 8.71 2.43 31.16
N PHE B 194 9.32 3.60 31.04
CA PHE B 194 8.64 4.87 31.28
C PHE B 194 7.42 4.97 30.36
N ILE B 195 7.62 4.68 29.09
CA ILE B 195 6.54 4.73 28.11
C ILE B 195 5.47 3.69 28.44
N LEU B 196 5.91 2.47 28.72
CA LEU B 196 5.00 1.38 29.05
C LEU B 196 4.39 1.50 30.44
N ALA B 197 5.00 2.32 31.29
CA ALA B 197 4.50 2.50 32.64
C ALA B 197 3.87 3.85 32.88
N GLU B 198 3.81 4.69 31.85
CA GLU B 198 3.22 6.01 31.99
C GLU B 198 2.48 6.51 30.75
N ILE B 199 2.81 5.98 29.58
CA ILE B 199 2.15 6.41 28.36
C ILE B 199 1.30 5.29 27.76
N PHE B 200 1.76 4.05 27.93
CA PHE B 200 1.07 2.87 27.45
C PHE B 200 1.00 1.84 28.57
N PRO B 201 0.27 2.15 29.66
CA PRO B 201 0.15 1.21 30.79
C PRO B 201 -0.36 -0.18 30.43
N GLY B 202 0.44 -1.19 30.75
CA GLY B 202 0.09 -2.56 30.47
C GLY B 202 0.21 -2.90 28.99
N GLY B 203 0.65 -1.92 28.19
CA GLY B 203 0.78 -2.13 26.77
C GLY B 203 2.06 -2.84 26.36
N TRP B 204 2.38 -2.81 25.07
CA TRP B 204 3.57 -3.47 24.57
C TRP B 204 3.87 -3.09 23.11
N LEU B 205 5.15 -2.90 22.80
CA LEU B 205 5.57 -2.55 21.45
C LEU B 205 6.04 -3.82 20.76
N PRO B 206 5.27 -4.30 19.77
CA PRO B 206 5.57 -5.52 19.03
C PRO B 206 6.73 -5.41 18.03
N SER B 207 7.27 -6.58 17.67
CA SER B 207 8.35 -6.66 16.70
C SER B 207 7.68 -7.08 15.39
N ILE B 208 8.23 -6.65 14.27
CA ILE B 208 7.64 -7.00 12.98
C ILE B 208 7.27 -8.48 12.86
N PRO B 209 8.20 -9.39 13.23
CA PRO B 209 7.94 -10.83 13.15
C PRO B 209 6.76 -11.28 14.01
N THR B 210 6.67 -10.73 15.21
CA THR B 210 5.60 -11.09 16.13
C THR B 210 4.25 -10.86 15.44
N VAL B 211 4.10 -9.70 14.80
CA VAL B 211 2.86 -9.38 14.09
C VAL B 211 2.60 -10.42 13.01
N HIS B 212 3.60 -10.70 12.19
CA HIS B 212 3.45 -11.69 11.12
C HIS B 212 3.04 -13.05 11.65
N GLU B 213 3.72 -13.48 12.71
CA GLU B 213 3.47 -14.78 13.33
C GLU B 213 2.05 -14.96 13.87
N TYR B 214 1.64 -14.06 14.77
CA TYR B 214 0.31 -14.14 15.36
C TYR B 214 -0.83 -14.00 14.38
N ALA B 215 -0.69 -13.10 13.40
CA ALA B 215 -1.74 -12.88 12.43
C ALA B 215 -1.87 -14.07 11.49
N GLU B 216 -0.75 -14.73 11.21
CA GLU B 216 -0.77 -15.88 10.31
C GLU B 216 -1.25 -17.16 10.98
N LYS B 217 -1.11 -17.23 12.30
CA LYS B 217 -1.57 -18.41 13.04
C LYS B 217 -3.09 -18.46 13.07
N VAL B 218 -3.72 -17.29 13.01
CA VAL B 218 -5.17 -17.23 13.03
C VAL B 218 -5.74 -17.34 11.63
N GLY B 219 -4.85 -17.48 10.64
CA GLY B 219 -5.29 -17.62 9.27
C GLY B 219 -5.36 -16.34 8.44
N PHE B 220 -4.67 -15.30 8.90
CA PHE B 220 -4.63 -14.02 8.21
C PHE B 220 -3.53 -14.03 7.14
N ARG B 221 -3.63 -13.10 6.21
CA ARG B 221 -2.63 -12.97 5.16
C ARG B 221 -2.16 -11.51 5.18
N VAL B 222 -0.86 -11.30 5.38
CA VAL B 222 -0.33 -9.95 5.41
C VAL B 222 0.05 -9.61 3.98
N THR B 223 -0.89 -8.99 3.27
CA THR B 223 -0.70 -8.63 1.88
C THR B 223 0.05 -7.34 1.62
N ALA B 224 0.27 -6.54 2.66
CA ALA B 224 1.01 -5.29 2.51
C ALA B 224 1.53 -4.75 3.83
N VAL B 225 2.67 -4.07 3.76
CA VAL B 225 3.29 -3.46 4.92
C VAL B 225 3.89 -2.15 4.48
N GLN B 226 3.63 -1.08 5.22
CA GLN B 226 4.17 0.24 4.91
C GLN B 226 4.70 0.92 6.17
N SER B 227 5.91 1.47 6.06
CA SER B 227 6.58 2.16 7.17
C SER B 227 6.33 3.67 7.15
N LEU B 228 6.12 4.26 8.32
CA LEU B 228 5.86 5.70 8.44
C LEU B 228 6.83 6.33 9.43
N GLN B 229 7.99 5.70 9.55
CA GLN B 229 9.05 6.10 10.47
C GLN B 229 9.34 7.59 10.66
N LEU B 230 9.78 8.28 9.61
CA LEU B 230 10.09 9.70 9.74
C LEU B 230 8.86 10.58 9.90
N HIS B 231 7.71 10.04 9.52
CA HIS B 231 6.46 10.77 9.63
C HIS B 231 6.10 10.90 11.11
N TYR B 232 6.42 9.87 11.89
CA TYR B 232 6.09 9.90 13.31
C TYR B 232 7.02 10.83 14.07
N ALA B 233 8.31 10.82 13.74
CA ALA B 233 9.27 11.69 14.42
C ALA B 233 8.82 13.13 14.22
N ARG B 234 8.28 13.40 13.04
CA ARG B 234 7.79 14.73 12.70
C ARG B 234 6.48 15.06 13.42
N THR B 235 5.61 14.07 13.57
CA THR B 235 4.33 14.26 14.26
C THR B 235 4.62 14.65 15.71
N LEU B 236 5.44 13.83 16.37
CA LEU B 236 5.83 14.04 17.76
C LEU B 236 6.42 15.43 17.97
N ASP B 237 7.23 15.89 17.02
CA ASP B 237 7.83 17.23 17.12
C ASP B 237 6.77 18.32 17.05
N MET B 238 5.80 18.16 16.15
CA MET B 238 4.75 19.16 16.03
C MET B 238 3.89 19.16 17.29
N TRP B 239 3.68 17.98 17.88
CA TRP B 239 2.89 17.90 19.11
C TRP B 239 3.66 18.57 20.24
N ALA B 240 4.94 18.21 20.35
CA ALA B 240 5.81 18.76 21.39
C ALA B 240 5.92 20.28 21.27
N THR B 241 6.03 20.77 20.05
CA THR B 241 6.13 22.21 19.84
C THR B 241 4.86 22.94 20.27
N ALA B 242 3.70 22.37 19.98
CA ALA B 242 2.43 23.00 20.35
C ALA B 242 2.21 22.99 21.86
N LEU B 243 2.50 21.87 22.49
CA LEU B 243 2.34 21.74 23.93
C LEU B 243 3.18 22.76 24.68
N GLU B 244 4.46 22.85 24.32
CA GLU B 244 5.36 23.80 24.97
C GLU B 244 4.82 25.22 24.83
N ALA B 245 4.30 25.53 23.65
CA ALA B 245 3.75 26.85 23.36
C ALA B 245 2.50 27.12 24.20
N ASN B 246 1.89 26.06 24.71
CA ASN B 246 0.68 26.19 25.52
C ASN B 246 0.97 25.68 26.93
N LYS B 247 2.23 25.78 27.33
CA LYS B 247 2.69 25.31 28.63
C LYS B 247 1.92 25.84 29.83
N ASP B 248 1.62 27.13 29.84
CA ASP B 248 0.91 27.72 30.97
C ASP B 248 -0.48 27.15 31.21
N GLN B 249 -1.27 26.97 30.15
CA GLN B 249 -2.61 26.44 30.33
C GLN B 249 -2.57 24.94 30.63
N ALA B 250 -1.61 24.24 30.04
CA ALA B 250 -1.48 22.81 30.26
C ALA B 250 -1.24 22.56 31.73
N ILE B 251 -0.35 23.35 32.32
CA ILE B 251 -0.02 23.22 33.73
C ILE B 251 -1.23 23.63 34.59
N ALA B 252 -1.94 24.67 34.15
CA ALA B 252 -3.11 25.17 34.88
C ALA B 252 -4.29 24.20 34.92
N ILE B 253 -4.51 23.47 33.82
CA ILE B 253 -5.61 22.51 33.74
C ILE B 253 -5.23 21.21 34.47
N GLN B 254 -3.99 20.78 34.28
CA GLN B 254 -3.50 19.56 34.91
C GLN B 254 -2.38 19.89 35.89
N SER B 255 -1.13 19.66 35.49
CA SER B 255 -0.01 19.96 36.37
C SER B 255 1.33 19.97 35.64
N GLN B 256 2.36 20.45 36.34
CA GLN B 256 3.71 20.53 35.82
C GLN B 256 4.14 19.09 35.53
N THR B 257 3.90 18.23 36.51
CA THR B 257 4.24 16.82 36.40
C THR B 257 3.69 16.22 35.11
N VAL B 258 2.41 16.47 34.82
CA VAL B 258 1.80 15.96 33.61
C VAL B 258 2.44 16.60 32.38
N TYR B 259 2.62 17.92 32.43
CA TYR B 259 3.25 18.65 31.34
C TYR B 259 4.61 18.04 31.01
N ASP B 260 5.45 17.91 32.04
CA ASP B 260 6.79 17.36 31.84
C ASP B 260 6.76 15.92 31.35
N ARG B 261 5.83 15.13 31.90
CA ARG B 261 5.68 13.74 31.51
C ARG B 261 5.46 13.60 30.01
N TYR B 262 4.58 14.42 29.47
CA TYR B 262 4.30 14.37 28.05
C TYR B 262 5.43 14.96 27.22
N MET B 263 6.05 16.03 27.69
CA MET B 263 7.16 16.61 26.94
C MET B 263 8.28 15.57 26.88
N LYS B 264 8.49 14.87 27.98
CA LYS B 264 9.51 13.83 28.05
C LYS B 264 9.20 12.72 27.06
N TYR B 265 7.92 12.44 26.85
CA TYR B 265 7.53 11.40 25.90
C TYR B 265 7.68 11.93 24.50
N LEU B 266 7.00 13.03 24.20
CA LEU B 266 7.06 13.63 22.87
C LEU B 266 8.51 13.85 22.47
N THR B 267 9.15 14.84 23.07
CA THR B 267 10.55 15.10 22.76
C THR B 267 11.39 14.06 23.51
N GLY B 268 11.26 12.82 23.02
CA GLY B 268 11.97 11.69 23.58
C GLY B 268 11.81 10.57 22.57
N CYS B 269 10.55 10.28 22.24
CA CYS B 269 10.26 9.27 21.24
C CYS B 269 10.67 9.84 19.89
N ALA B 270 10.44 11.15 19.72
CA ALA B 270 10.78 11.83 18.48
C ALA B 270 12.19 11.40 18.05
N LYS B 271 13.15 11.64 18.94
CA LYS B 271 14.54 11.25 18.68
C LYS B 271 14.73 9.85 19.22
N LEU B 272 13.98 8.92 18.64
CA LEU B 272 14.01 7.50 18.99
C LEU B 272 13.66 6.80 17.68
N PHE B 273 12.76 7.42 16.93
CA PHE B 273 12.36 6.91 15.62
C PHE B 273 13.34 7.57 14.65
N ARG B 274 14.58 7.73 15.11
CA ARG B 274 15.64 8.34 14.31
C ARG B 274 16.89 7.48 14.37
N GLN B 275 17.05 6.75 15.47
CA GLN B 275 18.19 5.87 15.66
C GLN B 275 17.76 4.43 15.42
N GLY B 276 16.54 4.26 14.91
CA GLY B 276 16.02 2.93 14.65
C GLY B 276 15.45 2.38 15.94
N TYR B 277 15.28 1.06 15.98
CA TYR B 277 14.72 0.39 17.16
C TYR B 277 13.21 0.53 17.21
N THR B 278 12.69 1.63 16.68
CA THR B 278 11.24 1.84 16.64
C THR B 278 10.81 2.43 15.30
N ASP B 279 9.65 1.98 14.84
CA ASP B 279 9.09 2.45 13.58
C ASP B 279 7.57 2.36 13.68
N VAL B 280 6.87 2.94 12.71
CA VAL B 280 5.41 2.90 12.66
C VAL B 280 5.05 2.24 11.35
N ASP B 281 4.32 1.12 11.42
CA ASP B 281 3.92 0.42 10.20
C ASP B 281 2.42 0.23 10.14
N GLN B 282 1.93 0.08 8.92
CA GLN B 282 0.53 -0.20 8.68
C GLN B 282 0.57 -1.56 7.99
N PHE B 283 -0.11 -2.55 8.56
CA PHE B 283 -0.17 -3.88 7.98
C PHE B 283 -1.57 -4.10 7.41
N THR B 284 -1.66 -4.55 6.17
CA THR B 284 -2.95 -4.83 5.58
C THR B 284 -3.14 -6.32 5.75
N LEU B 285 -4.23 -6.72 6.40
CA LEU B 285 -4.51 -8.13 6.63
C LEU B 285 -5.77 -8.56 5.88
N GLU B 286 -5.62 -9.62 5.09
CA GLU B 286 -6.71 -10.16 4.30
C GLU B 286 -6.94 -11.62 4.69
N LYS B 287 -8.04 -12.19 4.23
CA LYS B 287 -8.35 -13.59 4.55
C LYS B 287 -8.14 -14.48 3.32
#